data_8QCO
#
_entry.id   8QCO
#
_cell.length_a   145.674
_cell.length_b   53.162
_cell.length_c   91.968
_cell.angle_alpha   90.000
_cell.angle_beta   127.680
_cell.angle_gamma   90.000
#
_symmetry.space_group_name_H-M   'C 1 2 1'
#
loop_
_entity.id
_entity.type
_entity.pdbx_description
1 polymer '4-diphosphocytidyl-2-C-methyl-D-erythritol kinase'
2 non-polymer "ADENOSINE-5'-DIPHOSPHATE"
3 non-polymer ~{N}-[3-(4-azanyl-2-oxidanylidene-1~{H}-pyrimidin-5-yl)prop-2-ynyl]cyclopentanesulfonamide
4 water water
#
_entity_poly.entity_id   1
_entity_poly.type   'polypeptide(L)'
_entity_poly.pdbx_seq_one_letter_code
;MRTQWPSPAKLNLFLYITGQRADGYHTLQTLFQFLDYGDTISIELRDDGDIRLLTPVEGVEHEDNLIVRAARLLMKTAAD
SGRLPTGSGANISIDKRLPVGGGLGGGSSNAATVLVALNHLWQCGLSMDELAEMGLTLGADVPVFVRGHAAFAEGVGEIL
TPVDPPEKWYLVAHPGVSIPTPVIFKDPELPRNTPKRSIETLLKCEFSNDCEVIARKRFREVDAVLSWLLEYAPSRLTGT
GACVFAEFDTESEARQVLEQAPEWLNGFVAKGVNLSPLHRAML
;
_entity_poly.pdbx_strand_id   A,B
#
loop_
_chem_comp.id
_chem_comp.type
_chem_comp.name
_chem_comp.formula
ADP non-polymer ADENOSINE-5'-DIPHOSPHATE 'C10 H15 N5 O10 P2'
QBI non-polymer ~{N}-[3-(4-azanyl-2-oxidanylidene-1~{H}-pyrimidin-5-yl)prop-2-ynyl]cyclopentanesulfonamide 'C12 H16 N4 O3 S'
#
# COMPACT_ATOMS: atom_id res chain seq x y z
N MET A 1 -19.60 3.68 11.60
CA MET A 1 -18.17 3.33 11.68
C MET A 1 -17.80 2.30 10.60
N ARG A 2 -16.63 2.46 10.00
CA ARG A 2 -16.08 1.48 9.08
C ARG A 2 -14.96 0.71 9.77
N THR A 3 -14.93 -0.60 9.56
CA THR A 3 -13.81 -1.43 9.99
C THR A 3 -13.09 -1.93 8.74
N GLN A 4 -11.79 -2.15 8.86
CA GLN A 4 -10.99 -2.67 7.75
C GLN A 4 -10.37 -3.99 8.14
N TRP A 5 -10.29 -4.92 7.17
CA TRP A 5 -9.91 -6.30 7.48
C TRP A 5 -8.96 -6.81 6.41
N PRO A 6 -7.80 -7.34 6.79
CA PRO A 6 -6.90 -7.94 5.79
C PRO A 6 -7.47 -9.22 5.19
N SER A 7 -7.12 -9.44 3.94
CA SER A 7 -7.44 -10.66 3.23
C SER A 7 -6.17 -11.13 2.54
N PRO A 8 -5.32 -11.90 3.25
CA PRO A 8 -3.97 -12.22 2.74
C PRO A 8 -4.00 -13.30 1.68
N ALA A 9 -2.95 -13.30 0.84
CA ALA A 9 -2.71 -14.43 -0.06
C ALA A 9 -2.18 -15.65 0.71
N LYS A 10 -2.25 -16.82 0.05
CA LYS A 10 -1.50 -18.00 0.53
C LYS A 10 -0.54 -18.49 -0.56
N LEU A 11 0.50 -19.21 -0.13
CA LEU A 11 1.28 -20.09 -0.99
C LEU A 11 1.05 -21.54 -0.55
N ASN A 12 1.05 -22.46 -1.52
CA ASN A 12 1.29 -23.88 -1.24
C ASN A 12 2.79 -24.06 -1.32
N LEU A 13 3.44 -24.22 -0.19
CA LEU A 13 4.90 -24.32 -0.23
C LEU A 13 5.34 -25.65 -0.81
N PHE A 14 4.54 -26.70 -0.65
CA PHE A 14 4.62 -27.94 -1.41
C PHE A 14 3.22 -28.43 -1.65
N LEU A 15 3.11 -29.36 -2.60
CA LEU A 15 1.78 -29.89 -2.94
C LEU A 15 1.94 -31.26 -3.56
N TYR A 16 1.41 -32.29 -2.91
CA TYR A 16 1.48 -33.66 -3.43
C TYR A 16 0.06 -34.18 -3.58
N ILE A 17 -0.24 -34.78 -4.72
CA ILE A 17 -1.56 -35.35 -4.99
C ILE A 17 -1.48 -36.85 -4.71
N THR A 18 -2.32 -37.31 -3.76
CA THR A 18 -2.27 -38.67 -3.25
C THR A 18 -3.42 -39.55 -3.74
N GLY A 19 -4.45 -38.97 -4.34
CA GLY A 19 -5.55 -39.74 -4.87
C GLY A 19 -6.75 -38.86 -5.15
N GLN A 20 -7.87 -39.52 -5.47
CA GLN A 20 -9.08 -38.82 -5.88
C GLN A 20 -10.29 -39.52 -5.27
N ARG A 21 -11.22 -38.72 -4.72
CA ARG A 21 -12.47 -39.24 -4.19
C ARG A 21 -13.51 -39.39 -5.30
N ALA A 22 -14.58 -40.12 -4.99
CA ALA A 22 -15.62 -40.36 -5.97
C ALA A 22 -16.25 -39.05 -6.44
N ASP A 23 -16.46 -38.10 -5.51
CA ASP A 23 -17.06 -36.83 -5.91
C ASP A 23 -16.13 -35.95 -6.76
N GLY A 24 -14.96 -36.42 -7.20
CA GLY A 24 -14.12 -35.68 -8.09
C GLY A 24 -12.91 -35.03 -7.43
N TYR A 25 -13.03 -34.60 -6.17
CA TYR A 25 -11.94 -33.88 -5.55
C TYR A 25 -10.73 -34.78 -5.32
N HIS A 26 -9.57 -34.13 -5.22
CA HIS A 26 -8.32 -34.83 -4.97
C HIS A 26 -7.94 -34.76 -3.51
N THR A 27 -7.42 -35.87 -2.99
CA THR A 27 -6.80 -35.87 -1.68
C THR A 27 -5.33 -35.50 -1.86
N LEU A 28 -4.81 -34.69 -0.95
CA LEU A 28 -3.47 -34.18 -1.18
C LEU A 28 -2.78 -34.05 0.16
N GLN A 29 -1.49 -33.72 0.10
CA GLN A 29 -0.70 -33.30 1.23
C GLN A 29 -0.06 -31.98 0.81
N THR A 30 -0.34 -30.94 1.57
CA THR A 30 0.16 -29.64 1.12
C THR A 30 0.52 -28.87 2.37
N LEU A 31 1.32 -27.82 2.21
CA LEU A 31 1.75 -26.96 3.31
C LEU A 31 1.38 -25.51 2.97
N PHE A 32 0.43 -24.93 3.71
CA PHE A 32 -0.07 -23.57 3.46
C PHE A 32 0.70 -22.60 4.33
N GLN A 33 1.14 -21.49 3.72
CA GLN A 33 1.67 -20.35 4.48
C GLN A 33 1.05 -19.09 3.91
N PHE A 34 0.74 -18.13 4.77
CA PHE A 34 0.17 -16.89 4.27
C PHE A 34 1.28 -15.97 3.79
N LEU A 35 0.91 -14.98 3.02
CA LEU A 35 1.82 -13.88 2.75
C LEU A 35 1.32 -12.66 3.48
N ASP A 36 2.25 -11.82 3.94
CA ASP A 36 1.92 -10.55 4.58
C ASP A 36 1.67 -9.49 3.50
N TYR A 37 0.59 -9.74 2.71
CA TYR A 37 0.28 -9.06 1.48
C TYR A 37 -1.06 -9.56 0.98
N GLY A 38 -1.91 -8.66 0.53
CA GLY A 38 -3.20 -9.13 0.02
C GLY A 38 -4.18 -8.01 -0.15
N ASP A 39 -5.46 -8.38 -0.09
CA ASP A 39 -6.55 -7.43 -0.28
C ASP A 39 -6.92 -6.80 1.07
N THR A 40 -7.65 -5.72 1.01
CA THR A 40 -8.18 -5.09 2.22
C THR A 40 -9.68 -4.94 2.05
N ILE A 41 -10.46 -5.44 3.01
CA ILE A 41 -11.93 -5.41 2.91
C ILE A 41 -12.44 -4.46 3.98
N SER A 42 -13.25 -3.49 3.56
CA SER A 42 -13.86 -2.50 4.45
C SER A 42 -15.35 -2.76 4.56
N ILE A 43 -15.85 -2.68 5.78
CA ILE A 43 -17.21 -3.05 6.07
C ILE A 43 -17.85 -1.94 6.88
N GLU A 44 -19.04 -1.54 6.47
CA GLU A 44 -19.86 -0.61 7.23
C GLU A 44 -21.19 -1.30 7.51
N LEU A 45 -21.59 -1.35 8.77
CA LEU A 45 -22.78 -2.10 9.09
C LEU A 45 -24.00 -1.38 8.53
N ARG A 46 -25.00 -2.16 8.15
CA ARG A 46 -26.32 -1.67 7.79
C ARG A 46 -27.31 -2.12 8.85
N ASP A 47 -28.44 -1.42 8.92
CA ASP A 47 -29.46 -1.77 9.89
C ASP A 47 -30.76 -2.19 9.22
N ASP A 48 -30.73 -2.42 7.90
CA ASP A 48 -31.90 -2.80 7.12
C ASP A 48 -31.80 -4.21 6.56
N GLY A 49 -30.89 -5.04 7.06
CA GLY A 49 -30.84 -6.43 6.63
C GLY A 49 -30.23 -6.67 5.26
N ASP A 50 -29.75 -5.63 4.58
CA ASP A 50 -29.21 -5.77 3.24
C ASP A 50 -27.74 -6.11 3.27
N ILE A 51 -27.28 -6.75 2.20
CA ILE A 51 -25.86 -7.01 1.98
C ILE A 51 -25.50 -6.46 0.61
N ARG A 52 -24.55 -5.53 0.57
CA ARG A 52 -24.20 -4.84 -0.66
C ARG A 52 -22.68 -4.82 -0.81
N LEU A 53 -22.17 -5.44 -1.87
CA LEU A 53 -20.77 -5.27 -2.23
C LEU A 53 -20.68 -4.06 -3.15
N LEU A 54 -20.02 -3.00 -2.68
CA LEU A 54 -20.09 -1.73 -3.39
C LEU A 54 -19.05 -1.63 -4.50
N THR A 55 -18.02 -2.46 -4.45
CA THR A 55 -16.87 -2.41 -5.37
C THR A 55 -16.80 -3.72 -6.13
N PRO A 56 -17.21 -3.75 -7.41
CA PRO A 56 -17.17 -5.03 -8.14
C PRO A 56 -15.76 -5.58 -8.29
N VAL A 57 -15.67 -6.89 -8.35
CA VAL A 57 -14.45 -7.59 -8.71
C VAL A 57 -14.53 -7.94 -10.18
N GLU A 58 -13.47 -7.65 -10.94
CA GLU A 58 -13.53 -7.75 -12.39
C GLU A 58 -13.87 -9.17 -12.82
N GLY A 59 -14.86 -9.28 -13.71
CA GLY A 59 -15.34 -10.55 -14.23
C GLY A 59 -16.26 -11.33 -13.31
N VAL A 60 -16.57 -10.82 -12.14
CA VAL A 60 -17.40 -11.55 -11.16
C VAL A 60 -18.71 -10.81 -10.96
N GLU A 61 -19.81 -11.52 -11.14
CA GLU A 61 -21.12 -10.96 -10.87
C GLU A 61 -21.35 -10.87 -9.36
N HIS A 62 -22.17 -9.89 -8.94
CA HIS A 62 -22.37 -9.64 -7.50
C HIS A 62 -22.80 -10.91 -6.75
N GLU A 63 -23.87 -11.58 -7.21
CA GLU A 63 -24.33 -12.76 -6.48
C GLU A 63 -23.37 -13.97 -6.62
N ASP A 64 -22.44 -13.98 -7.59
CA ASP A 64 -21.41 -15.01 -7.70
C ASP A 64 -20.17 -14.70 -6.85
N ASN A 65 -20.07 -13.49 -6.34
CA ASN A 65 -18.87 -13.07 -5.64
C ASN A 65 -18.77 -13.76 -4.29
N LEU A 66 -17.61 -14.38 -4.01
CA LEU A 66 -17.43 -15.12 -2.75
C LEU A 66 -17.62 -14.23 -1.54
N ILE A 67 -17.35 -12.93 -1.68
CA ILE A 67 -17.66 -11.97 -0.63
C ILE A 67 -19.16 -12.00 -0.29
N VAL A 68 -20.02 -11.91 -1.31
CA VAL A 68 -21.47 -11.85 -1.08
C VAL A 68 -21.98 -13.21 -0.65
N ARG A 69 -21.48 -14.27 -1.30
CA ARG A 69 -21.90 -15.61 -0.91
C ARG A 69 -21.53 -15.91 0.53
N ALA A 70 -20.34 -15.51 0.98
CA ALA A 70 -19.99 -15.75 2.38
C ALA A 70 -20.94 -15.00 3.30
N ALA A 71 -21.16 -13.71 3.00
CA ALA A 71 -22.02 -12.89 3.87
C ALA A 71 -23.43 -13.45 3.92
N ARG A 72 -24.00 -13.80 2.76
CA ARG A 72 -25.33 -14.39 2.79
C ARG A 72 -25.37 -15.71 3.53
N LEU A 73 -24.32 -16.55 3.38
CA LEU A 73 -24.33 -17.84 4.05
C LEU A 73 -24.28 -17.67 5.56
N LEU A 74 -23.43 -16.74 6.05
CA LEU A 74 -23.45 -16.49 7.48
C LEU A 74 -24.80 -15.96 7.92
N MET A 75 -25.43 -15.10 7.10
CA MET A 75 -26.69 -14.55 7.56
C MET A 75 -27.75 -15.65 7.65
N LYS A 76 -27.77 -16.55 6.66
CA LYS A 76 -28.75 -17.66 6.68
C LYS A 76 -28.48 -18.62 7.82
N THR A 77 -27.19 -18.94 8.07
CA THR A 77 -26.86 -19.90 9.14
C THR A 77 -27.17 -19.32 10.51
N ALA A 78 -26.86 -18.04 10.70
CA ALA A 78 -27.11 -17.39 11.96
C ALA A 78 -28.62 -17.23 12.16
N ALA A 79 -29.34 -16.81 11.12
CA ALA A 79 -30.78 -16.65 11.31
C ALA A 79 -31.46 -17.97 11.60
N ASP A 80 -30.94 -19.09 11.09
CA ASP A 80 -31.62 -20.36 11.28
C ASP A 80 -31.39 -20.94 12.67
N SER A 81 -30.42 -20.39 13.41
CA SER A 81 -30.11 -20.83 14.77
C SER A 81 -30.43 -19.73 15.77
N GLY A 82 -31.12 -18.67 15.34
CA GLY A 82 -31.45 -17.55 16.21
C GLY A 82 -30.29 -16.63 16.57
N ARG A 83 -29.19 -16.61 15.81
CA ARG A 83 -27.99 -15.88 16.19
C ARG A 83 -27.80 -14.59 15.41
N LEU A 84 -28.84 -14.07 14.77
CA LEU A 84 -28.68 -12.91 13.92
C LEU A 84 -29.48 -11.75 14.51
N PRO A 85 -28.81 -10.77 15.10
CA PRO A 85 -29.51 -9.57 15.59
C PRO A 85 -30.39 -8.98 14.48
N THR A 86 -31.62 -8.58 14.86
CA THR A 86 -32.56 -8.06 13.87
C THR A 86 -31.98 -6.89 13.11
N GLY A 87 -32.21 -6.88 11.80
CA GLY A 87 -31.69 -5.83 10.93
C GLY A 87 -30.24 -5.95 10.51
N SER A 88 -29.53 -7.00 10.92
CA SER A 88 -28.12 -7.11 10.58
C SER A 88 -27.91 -7.07 9.06
N GLY A 89 -27.02 -6.19 8.61
CA GLY A 89 -26.65 -6.08 7.20
C GLY A 89 -25.27 -5.48 7.06
N ALA A 90 -24.82 -5.28 5.81
CA ALA A 90 -23.50 -4.69 5.63
C ALA A 90 -23.31 -4.07 4.25
N ASN A 91 -22.52 -3.01 4.21
CA ASN A 91 -21.93 -2.52 2.97
C ASN A 91 -20.47 -2.99 2.96
N ILE A 92 -20.03 -3.63 1.88
CA ILE A 92 -18.69 -4.20 1.83
C ILE A 92 -17.95 -3.62 0.64
N SER A 93 -16.70 -3.21 0.85
CA SER A 93 -15.85 -2.70 -0.23
C SER A 93 -14.52 -3.44 -0.18
N ILE A 94 -13.89 -3.59 -1.33
CA ILE A 94 -12.61 -4.27 -1.32
C ILE A 94 -11.62 -3.49 -2.18
N ASP A 95 -10.43 -3.28 -1.63
CA ASP A 95 -9.26 -2.85 -2.40
C ASP A 95 -8.51 -4.12 -2.79
N LYS A 96 -8.66 -4.53 -4.05
CA LYS A 96 -8.25 -5.85 -4.50
C LYS A 96 -6.87 -5.72 -5.13
N ARG A 97 -5.88 -6.37 -4.52
CA ARG A 97 -4.52 -6.41 -5.08
C ARG A 97 -4.15 -7.78 -5.60
N LEU A 98 -4.88 -8.80 -5.22
CA LEU A 98 -4.52 -10.15 -5.64
C LEU A 98 -5.18 -10.49 -6.98
N PRO A 99 -4.43 -10.99 -7.95
CA PRO A 99 -5.05 -11.46 -9.20
C PRO A 99 -6.27 -12.33 -8.94
N VAL A 100 -7.27 -12.20 -9.83
CA VAL A 100 -8.42 -13.10 -9.85
C VAL A 100 -7.99 -14.39 -10.54
N GLY A 101 -8.02 -15.52 -9.83
CA GLY A 101 -7.31 -16.71 -10.27
C GLY A 101 -5.80 -16.59 -10.09
N GLY A 102 -5.05 -17.70 -10.08
CA GLY A 102 -3.59 -17.58 -10.02
C GLY A 102 -2.93 -18.46 -8.98
N GLY A 103 -3.71 -18.99 -8.05
CA GLY A 103 -3.18 -19.86 -7.04
C GLY A 103 -2.83 -19.16 -5.77
N LEU A 104 -3.13 -17.86 -5.66
CA LEU A 104 -2.85 -17.20 -4.40
C LEU A 104 -4.06 -17.26 -3.48
N GLY A 105 -5.20 -17.78 -3.96
CA GLY A 105 -6.35 -17.96 -3.07
C GLY A 105 -7.10 -16.69 -2.71
N GLY A 106 -7.02 -15.65 -3.53
CA GLY A 106 -7.66 -14.38 -3.18
C GLY A 106 -9.15 -14.46 -2.92
N GLY A 107 -9.90 -15.18 -3.76
CA GLY A 107 -11.35 -15.29 -3.55
C GLY A 107 -11.67 -16.06 -2.27
N SER A 108 -10.95 -17.16 -2.02
CA SER A 108 -11.17 -17.89 -0.78
C SER A 108 -10.79 -17.04 0.42
N SER A 109 -9.69 -16.29 0.32
CA SER A 109 -9.31 -15.41 1.42
C SER A 109 -10.40 -14.36 1.64
N ASN A 110 -10.92 -13.81 0.55
CA ASN A 110 -12.00 -12.83 0.68
C ASN A 110 -13.18 -13.41 1.43
N ALA A 111 -13.59 -14.63 1.07
CA ALA A 111 -14.70 -15.30 1.74
C ALA A 111 -14.40 -15.48 3.22
N ALA A 112 -13.21 -15.95 3.55
CA ALA A 112 -12.84 -16.19 4.94
C ALA A 112 -12.83 -14.90 5.75
N THR A 113 -12.28 -13.84 5.17
CA THR A 113 -12.21 -12.57 5.88
C THR A 113 -13.61 -12.06 6.15
N VAL A 114 -14.49 -12.16 5.16
CA VAL A 114 -15.88 -11.76 5.38
C VAL A 114 -16.54 -12.59 6.48
N LEU A 115 -16.37 -13.93 6.45
CA LEU A 115 -17.00 -14.78 7.48
C LEU A 115 -16.54 -14.37 8.86
N VAL A 116 -15.23 -14.15 9.01
CA VAL A 116 -14.67 -13.84 10.33
C VAL A 116 -15.09 -12.45 10.77
N ALA A 117 -15.00 -11.46 9.86
CA ALA A 117 -15.35 -10.09 10.22
C ALA A 117 -16.82 -9.96 10.56
N LEU A 118 -17.70 -10.53 9.72
CA LEU A 118 -19.12 -10.33 9.97
C LEU A 118 -19.59 -11.17 11.13
N ASN A 119 -18.97 -12.33 11.38
CA ASN A 119 -19.31 -13.05 12.61
C ASN A 119 -19.05 -12.16 13.83
N HIS A 120 -17.93 -11.42 13.81
CA HIS A 120 -17.64 -10.50 14.90
C HIS A 120 -18.58 -9.30 14.87
N LEU A 121 -18.77 -8.71 13.69
CA LEU A 121 -19.51 -7.44 13.66
C LEU A 121 -20.99 -7.65 13.96
N TRP A 122 -21.57 -8.73 13.46
CA TRP A 122 -22.98 -9.02 13.75
C TRP A 122 -23.17 -9.74 15.07
N GLN A 123 -22.08 -10.13 15.76
CA GLN A 123 -22.19 -10.80 17.06
C GLN A 123 -22.90 -12.15 16.96
N CYS A 124 -22.60 -12.92 15.90
CA CYS A 124 -23.24 -14.22 15.77
C CYS A 124 -22.63 -15.24 16.75
N GLY A 125 -21.44 -14.97 17.26
CA GLY A 125 -20.82 -15.89 18.19
C GLY A 125 -20.48 -17.25 17.63
N LEU A 126 -20.24 -17.37 16.33
CA LEU A 126 -19.98 -18.70 15.80
C LEU A 126 -18.53 -19.09 16.14
N SER A 127 -18.33 -20.36 16.44
CA SER A 127 -17.00 -20.87 16.77
C SER A 127 -16.13 -20.91 15.53
N MET A 128 -14.81 -21.09 15.74
CA MET A 128 -13.89 -21.31 14.63
C MET A 128 -14.30 -22.52 13.81
N ASP A 129 -14.59 -23.65 14.49
CA ASP A 129 -15.07 -24.86 13.81
C ASP A 129 -16.29 -24.60 12.97
N GLU A 130 -17.25 -23.82 13.49
CA GLU A 130 -18.47 -23.58 12.74
C GLU A 130 -18.19 -22.71 11.52
N LEU A 131 -17.34 -21.69 11.67
CA LEU A 131 -17.04 -20.86 10.51
C LEU A 131 -16.28 -21.64 9.45
N ALA A 132 -15.39 -22.52 9.90
CA ALA A 132 -14.58 -23.28 8.93
C ALA A 132 -15.45 -24.29 8.20
N GLU A 133 -16.41 -24.90 8.92
CA GLU A 133 -17.38 -25.78 8.29
C GLU A 133 -18.19 -25.04 7.22
N MET A 134 -18.75 -23.86 7.54
CA MET A 134 -19.42 -23.12 6.46
C MET A 134 -18.46 -22.71 5.36
N GLY A 135 -17.22 -22.32 5.72
CA GLY A 135 -16.27 -21.90 4.71
C GLY A 135 -15.96 -23.00 3.70
N LEU A 136 -15.86 -24.25 4.17
CA LEU A 136 -15.58 -25.36 3.27
C LEU A 136 -16.62 -25.50 2.17
N THR A 137 -17.89 -25.13 2.44
CA THR A 137 -18.87 -25.18 1.36
C THR A 137 -18.61 -24.16 0.26
N LEU A 138 -17.81 -23.13 0.54
CA LEU A 138 -17.48 -22.14 -0.47
C LEU A 138 -16.17 -22.44 -1.17
N GLY A 139 -15.40 -23.40 -0.71
CA GLY A 139 -14.15 -23.68 -1.36
C GLY A 139 -13.22 -24.40 -0.42
N ALA A 140 -12.47 -25.35 -0.96
CA ALA A 140 -11.60 -26.13 -0.11
C ALA A 140 -10.45 -25.29 0.47
N ASP A 141 -10.13 -24.13 -0.13
CA ASP A 141 -9.11 -23.21 0.37
C ASP A 141 -9.62 -22.35 1.54
N VAL A 142 -10.92 -22.24 1.73
CA VAL A 142 -11.43 -21.28 2.69
C VAL A 142 -11.09 -21.63 4.15
N PRO A 143 -11.13 -22.90 4.57
CA PRO A 143 -10.88 -23.17 6.01
C PRO A 143 -9.50 -22.73 6.48
N VAL A 144 -8.42 -22.87 5.69
CA VAL A 144 -7.11 -22.46 6.18
C VAL A 144 -7.13 -20.97 6.54
N PHE A 145 -7.83 -20.16 5.72
CA PHE A 145 -7.88 -18.72 5.96
C PHE A 145 -8.73 -18.39 7.18
N VAL A 146 -9.83 -19.12 7.34
CA VAL A 146 -10.68 -18.91 8.52
C VAL A 146 -9.90 -19.20 9.80
N ARG A 147 -9.15 -20.32 9.83
CA ARG A 147 -8.45 -20.73 11.03
C ARG A 147 -7.19 -19.92 11.32
N GLY A 148 -6.57 -19.32 10.31
CA GLY A 148 -5.58 -18.27 10.50
C GLY A 148 -4.14 -18.68 10.77
N HIS A 149 -3.77 -19.95 10.62
CA HIS A 149 -2.41 -20.40 10.91
C HIS A 149 -1.83 -21.21 9.74
N ALA A 150 -0.54 -21.03 9.50
CA ALA A 150 0.14 -21.92 8.56
C ALA A 150 -0.10 -23.38 8.98
N ALA A 151 -0.29 -24.25 7.98
CA ALA A 151 -0.77 -25.57 8.36
C ALA A 151 -0.38 -26.60 7.31
N PHE A 152 -0.07 -27.80 7.79
CA PHE A 152 -0.01 -28.99 6.96
C PHE A 152 -1.44 -29.43 6.73
N ALA A 153 -1.83 -29.56 5.47
CA ALA A 153 -3.21 -29.88 5.09
C ALA A 153 -3.28 -31.21 4.37
N GLU A 154 -4.20 -32.05 4.82
CA GLU A 154 -4.50 -33.32 4.20
C GLU A 154 -5.97 -33.35 3.81
N GLY A 155 -6.46 -34.52 3.47
CA GLY A 155 -7.84 -34.58 3.00
C GLY A 155 -7.88 -33.86 1.68
N VAL A 156 -8.91 -33.03 1.48
CA VAL A 156 -8.98 -32.16 0.31
C VAL A 156 -8.38 -30.78 0.59
N GLY A 157 -7.82 -30.58 1.77
CA GLY A 157 -7.25 -29.32 2.23
C GLY A 157 -7.86 -28.79 3.50
N GLU A 158 -8.85 -29.47 4.12
CA GLU A 158 -9.53 -28.94 5.29
C GLU A 158 -9.05 -29.61 6.58
N ILE A 159 -8.27 -30.68 6.49
CA ILE A 159 -7.70 -31.37 7.66
C ILE A 159 -6.38 -30.70 7.98
N LEU A 160 -6.38 -29.77 8.93
CA LEU A 160 -5.33 -28.78 9.09
C LEU A 160 -4.58 -29.02 10.39
N THR A 161 -3.29 -29.32 10.26
CA THR A 161 -2.42 -29.42 11.43
C THR A 161 -1.50 -28.21 11.47
N PRO A 162 -1.62 -27.31 12.44
CA PRO A 162 -0.75 -26.13 12.44
C PRO A 162 0.73 -26.50 12.50
N VAL A 163 1.50 -25.86 11.64
CA VAL A 163 2.95 -26.00 11.64
C VAL A 163 3.49 -24.60 11.41
N ASP A 164 4.76 -24.39 11.75
CA ASP A 164 5.37 -23.08 11.57
C ASP A 164 6.57 -23.20 10.62
N PRO A 165 6.34 -23.23 9.31
CA PRO A 165 7.49 -23.26 8.35
C PRO A 165 8.30 -21.99 8.46
N PRO A 166 9.58 -22.00 8.04
CA PRO A 166 10.33 -20.74 8.00
C PRO A 166 9.61 -19.67 7.19
N GLU A 167 9.62 -18.44 7.72
CA GLU A 167 8.96 -17.30 7.09
C GLU A 167 9.94 -16.64 6.13
N LYS A 168 10.05 -17.23 4.95
CA LYS A 168 10.96 -16.71 3.96
C LYS A 168 10.39 -15.42 3.32
N TRP A 169 11.22 -14.79 2.49
CA TRP A 169 10.76 -13.72 1.61
C TRP A 169 10.53 -14.28 0.21
N TYR A 170 9.46 -13.84 -0.43
CA TYR A 170 9.09 -14.46 -1.70
C TYR A 170 8.94 -13.38 -2.75
N LEU A 171 9.41 -13.69 -3.94
CA LEU A 171 9.05 -12.95 -5.15
C LEU A 171 7.97 -13.77 -5.79
N VAL A 172 6.77 -13.23 -5.83
CA VAL A 172 5.62 -13.93 -6.40
C VAL A 172 5.36 -13.34 -7.79
N ALA A 173 5.33 -14.18 -8.80
CA ALA A 173 5.19 -13.73 -10.17
C ALA A 173 3.90 -14.29 -10.73
N HIS A 174 3.26 -13.52 -11.63
CA HIS A 174 2.01 -13.94 -12.25
C HIS A 174 2.19 -14.01 -13.76
N PRO A 175 2.42 -15.20 -14.31
CA PRO A 175 2.53 -15.35 -15.76
C PRO A 175 1.29 -14.81 -16.45
N GLY A 176 1.46 -14.30 -17.66
CA GLY A 176 0.35 -13.72 -18.38
C GLY A 176 -0.58 -14.73 -19.01
N VAL A 177 -1.23 -15.55 -18.19
CA VAL A 177 -2.18 -16.54 -18.68
C VAL A 177 -3.07 -16.91 -17.50
N SER A 178 -4.33 -17.19 -17.80
CA SER A 178 -5.29 -17.62 -16.80
C SER A 178 -5.42 -19.13 -16.93
N ILE A 179 -5.17 -19.84 -15.84
CA ILE A 179 -5.32 -21.29 -15.83
C ILE A 179 -6.54 -21.62 -14.96
N PRO A 180 -7.63 -22.08 -15.55
CA PRO A 180 -8.73 -22.60 -14.72
C PRO A 180 -8.29 -23.81 -13.91
N THR A 181 -8.57 -23.79 -12.60
CA THR A 181 -8.15 -24.91 -11.76
C THR A 181 -8.59 -26.26 -12.29
N PRO A 182 -9.79 -26.42 -12.83
CA PRO A 182 -10.20 -27.76 -13.31
C PRO A 182 -9.33 -28.32 -14.42
N VAL A 183 -8.69 -27.48 -15.25
CA VAL A 183 -7.87 -28.01 -16.35
C VAL A 183 -6.76 -28.90 -15.80
N ILE A 184 -5.96 -28.35 -14.89
CA ILE A 184 -4.90 -29.14 -14.28
C ILE A 184 -5.45 -30.42 -13.67
N PHE A 185 -6.49 -30.29 -12.83
CA PHE A 185 -6.99 -31.42 -12.06
C PHE A 185 -7.69 -32.46 -12.91
N LYS A 186 -8.09 -32.09 -14.13
CA LYS A 186 -8.65 -33.06 -15.06
C LYS A 186 -7.60 -33.72 -15.96
N ASP A 187 -6.35 -33.22 -15.97
CA ASP A 187 -5.35 -33.74 -16.90
C ASP A 187 -5.06 -35.22 -16.61
N PRO A 188 -5.09 -36.08 -17.62
CA PRO A 188 -4.79 -37.50 -17.37
C PRO A 188 -3.44 -37.72 -16.73
N GLU A 189 -2.47 -36.85 -16.98
CA GLU A 189 -1.10 -37.11 -16.57
C GLU A 189 -0.75 -36.51 -15.22
N LEU A 190 -1.72 -35.94 -14.51
CA LEU A 190 -1.45 -35.41 -13.18
C LEU A 190 -1.11 -36.57 -12.25
N PRO A 191 -0.04 -36.49 -11.47
CA PRO A 191 0.18 -37.49 -10.42
C PRO A 191 -1.03 -37.53 -9.50
N ARG A 192 -1.56 -38.74 -9.28
CA ARG A 192 -2.56 -38.96 -8.23
C ARG A 192 -2.16 -40.15 -7.40
N ASN A 193 -0.87 -40.44 -7.36
CA ASN A 193 -0.30 -41.62 -6.74
C ASN A 193 0.93 -41.28 -5.93
N THR A 194 1.15 -40.01 -5.61
CA THR A 194 2.30 -39.67 -4.80
C THR A 194 2.10 -40.29 -3.41
N PRO A 195 3.07 -41.03 -2.89
CA PRO A 195 2.87 -41.70 -1.60
C PRO A 195 2.58 -40.72 -0.46
N LYS A 196 1.59 -41.07 0.36
CA LYS A 196 1.27 -40.25 1.52
C LYS A 196 2.34 -40.42 2.59
N ARG A 197 2.94 -39.33 3.02
CA ARG A 197 4.12 -39.38 3.87
C ARG A 197 3.93 -38.49 5.09
N SER A 198 4.80 -38.65 6.08
CA SER A 198 4.65 -37.90 7.31
C SER A 198 5.21 -36.49 7.16
N ILE A 199 4.83 -35.60 8.07
CA ILE A 199 5.29 -34.21 7.94
C ILE A 199 6.82 -34.15 8.08
N GLU A 200 7.40 -34.97 8.97
CA GLU A 200 8.85 -34.97 9.09
C GLU A 200 9.50 -35.33 7.77
N THR A 201 9.02 -36.39 7.14
CA THR A 201 9.54 -36.76 5.84
C THR A 201 9.36 -35.61 4.84
N LEU A 202 8.20 -34.97 4.85
CA LEU A 202 7.98 -33.94 3.84
C LEU A 202 8.77 -32.68 4.11
N LEU A 203 9.12 -32.42 5.37
CA LEU A 203 9.90 -31.25 5.70
C LEU A 203 11.37 -31.44 5.32
N LYS A 204 11.87 -32.69 5.35
CA LYS A 204 13.26 -32.95 5.00
C LYS A 204 13.42 -33.10 3.49
N CYS A 205 12.41 -33.65 2.82
CA CYS A 205 12.41 -33.73 1.38
C CYS A 205 12.38 -32.34 0.77
N GLU A 206 13.07 -32.18 -0.37
CA GLU A 206 12.92 -30.99 -1.18
C GLU A 206 11.45 -30.75 -1.42
N PHE A 207 11.03 -29.50 -1.28
CA PHE A 207 9.66 -29.14 -1.60
C PHE A 207 9.41 -29.15 -3.11
N SER A 208 8.30 -29.75 -3.55
CA SER A 208 7.87 -29.63 -4.95
C SER A 208 6.36 -29.55 -5.02
N ASN A 209 5.86 -29.28 -6.23
CA ASN A 209 4.44 -29.14 -6.50
C ASN A 209 4.10 -30.09 -7.64
N ASP A 210 3.24 -31.09 -7.36
CA ASP A 210 2.94 -32.11 -8.33
C ASP A 210 2.25 -31.55 -9.57
N CYS A 211 1.60 -30.39 -9.47
CA CYS A 211 0.93 -29.79 -10.63
C CYS A 211 1.89 -29.07 -11.57
N GLU A 212 3.13 -28.82 -11.16
CA GLU A 212 4.00 -27.91 -11.90
C GLU A 212 4.35 -28.44 -13.28
N VAL A 213 4.67 -29.73 -13.37
CA VAL A 213 5.10 -30.32 -14.65
C VAL A 213 4.02 -30.11 -15.70
N ILE A 214 2.74 -30.29 -15.32
CA ILE A 214 1.67 -30.13 -16.30
C ILE A 214 1.44 -28.66 -16.62
N ALA A 215 1.46 -27.79 -15.61
CA ALA A 215 1.27 -26.36 -15.87
C ALA A 215 2.37 -25.85 -16.80
N ARG A 216 3.63 -26.24 -16.55
CA ARG A 216 4.73 -25.78 -17.39
C ARG A 216 4.60 -26.26 -18.82
N LYS A 217 4.20 -27.53 -19.00
CA LYS A 217 4.08 -28.12 -20.33
C LYS A 217 2.97 -27.46 -21.14
N ARG A 218 1.85 -27.18 -20.46
CA ARG A 218 0.66 -26.77 -21.19
C ARG A 218 0.58 -25.26 -21.36
N PHE A 219 1.28 -24.51 -20.53
CA PHE A 219 1.22 -23.05 -20.57
C PHE A 219 2.62 -22.51 -20.69
N ARG A 220 2.99 -22.11 -21.93
CA ARG A 220 4.34 -21.65 -22.16
C ARG A 220 4.67 -20.45 -21.30
N GLU A 221 3.68 -19.61 -20.97
CA GLU A 221 3.95 -18.44 -20.16
C GLU A 221 4.45 -18.82 -18.75
N VAL A 222 3.92 -19.92 -18.20
CA VAL A 222 4.35 -20.39 -16.89
C VAL A 222 5.75 -20.94 -16.97
N ASP A 223 6.02 -21.70 -18.03
CA ASP A 223 7.38 -22.23 -18.18
C ASP A 223 8.38 -21.10 -18.28
N ALA A 224 8.01 -20.03 -19.00
CA ALA A 224 8.94 -18.93 -19.17
C ALA A 224 9.25 -18.25 -17.85
N VAL A 225 8.23 -17.99 -17.03
CA VAL A 225 8.41 -17.29 -15.77
C VAL A 225 9.23 -18.14 -14.81
N LEU A 226 8.98 -19.46 -14.81
CA LEU A 226 9.65 -20.38 -13.89
C LEU A 226 11.11 -20.52 -14.29
N SER A 227 11.36 -20.63 -15.58
CA SER A 227 12.73 -20.73 -16.07
C SER A 227 13.54 -19.49 -15.73
N TRP A 228 12.94 -18.30 -15.88
CA TRP A 228 13.66 -17.08 -15.53
C TRP A 228 14.01 -17.05 -14.04
N LEU A 229 13.05 -17.36 -13.18
CA LEU A 229 13.28 -17.25 -11.75
C LEU A 229 14.26 -18.29 -11.27
N LEU A 230 14.25 -19.49 -11.89
CA LEU A 230 15.06 -20.60 -11.43
C LEU A 230 16.55 -20.28 -11.53
N GLU A 231 16.92 -19.28 -12.33
CA GLU A 231 18.30 -18.85 -12.41
C GLU A 231 18.75 -18.15 -11.15
N TYR A 232 17.81 -17.65 -10.36
CA TYR A 232 18.14 -16.85 -9.18
C TYR A 232 17.86 -17.55 -7.86
N ALA A 233 16.88 -18.44 -7.78
CA ALA A 233 16.43 -18.94 -6.48
C ALA A 233 15.58 -20.17 -6.73
N PRO A 234 15.45 -21.05 -5.72
CA PRO A 234 14.44 -22.10 -5.77
C PRO A 234 13.09 -21.48 -6.07
N SER A 235 12.38 -22.05 -7.03
CA SER A 235 11.16 -21.43 -7.54
C SER A 235 10.20 -22.53 -7.91
N ARG A 236 8.90 -22.32 -7.66
CA ARG A 236 7.88 -23.36 -7.86
C ARG A 236 6.54 -22.71 -8.17
N LEU A 237 5.69 -23.47 -8.83
CA LEU A 237 4.25 -23.16 -8.93
C LEU A 237 3.63 -23.17 -7.54
N THR A 238 2.67 -22.27 -7.33
CA THR A 238 1.78 -22.39 -6.17
C THR A 238 0.39 -22.73 -6.66
N GLY A 239 -0.36 -23.40 -5.81
CA GLY A 239 -1.65 -23.91 -6.27
C GLY A 239 -1.53 -24.70 -7.58
N THR A 240 -2.56 -24.58 -8.38
CA THR A 240 -2.47 -25.08 -9.74
C THR A 240 -2.03 -24.00 -10.71
N GLY A 241 -1.44 -22.93 -10.21
CA GLY A 241 -0.92 -21.90 -11.09
C GLY A 241 -2.02 -20.91 -11.41
N ALA A 242 -1.68 -19.94 -12.22
CA ALA A 242 -0.44 -19.71 -12.92
C ALA A 242 0.67 -19.12 -12.08
N CYS A 243 0.38 -18.64 -10.87
CA CYS A 243 1.42 -17.95 -10.10
C CYS A 243 2.54 -18.88 -9.71
N VAL A 244 3.75 -18.30 -9.72
CA VAL A 244 5.00 -18.98 -9.41
C VAL A 244 5.68 -18.14 -8.35
N PHE A 245 6.45 -18.77 -7.45
CA PHE A 245 7.15 -17.95 -6.48
C PHE A 245 8.59 -18.40 -6.39
N ALA A 246 9.45 -17.46 -6.05
CA ALA A 246 10.86 -17.73 -5.75
C ALA A 246 11.13 -17.40 -4.29
N GLU A 247 11.93 -18.23 -3.59
CA GLU A 247 12.14 -18.18 -2.15
C GLU A 247 13.52 -17.60 -1.88
N PHE A 248 13.58 -16.63 -0.98
CA PHE A 248 14.79 -15.93 -0.57
C PHE A 248 14.92 -15.89 0.95
N ASP A 249 16.17 -15.87 1.43
CA ASP A 249 16.37 -15.76 2.88
C ASP A 249 16.17 -14.32 3.37
N THR A 250 16.45 -13.33 2.54
CA THR A 250 16.36 -11.93 2.94
C THR A 250 15.44 -11.14 2.01
N GLU A 251 14.91 -10.07 2.59
CA GLU A 251 14.12 -9.11 1.83
C GLU A 251 14.98 -8.43 0.78
N SER A 252 16.22 -8.10 1.14
CA SER A 252 17.12 -7.43 0.22
C SER A 252 17.30 -8.23 -1.07
N GLU A 253 17.61 -9.53 -0.96
CA GLU A 253 17.84 -10.29 -2.18
C GLU A 253 16.59 -10.39 -3.04
N ALA A 254 15.43 -10.61 -2.40
CA ALA A 254 14.19 -10.78 -3.16
C ALA A 254 13.90 -9.52 -3.95
N ARG A 255 14.09 -8.35 -3.33
CA ARG A 255 13.79 -7.09 -4.00
C ARG A 255 14.80 -6.79 -5.10
N GLN A 256 16.05 -7.25 -4.94
CA GLN A 256 17.02 -7.03 -6.02
C GLN A 256 16.65 -7.86 -7.24
N VAL A 257 16.16 -9.09 -7.03
CA VAL A 257 15.77 -9.86 -8.20
C VAL A 257 14.55 -9.22 -8.86
N LEU A 258 13.61 -8.71 -8.06
CA LEU A 258 12.41 -8.10 -8.62
C LEU A 258 12.76 -6.85 -9.43
N GLU A 259 13.74 -6.08 -8.96
CA GLU A 259 14.25 -4.92 -9.71
C GLU A 259 14.77 -5.29 -11.09
N GLN A 260 15.35 -6.48 -11.23
CA GLN A 260 15.88 -6.97 -12.49
C GLN A 260 14.82 -7.58 -13.38
N ALA A 261 13.65 -7.87 -12.83
CA ALA A 261 12.72 -8.76 -13.53
C ALA A 261 12.08 -8.03 -14.72
N PRO A 262 11.99 -8.66 -15.87
CA PRO A 262 11.15 -8.10 -16.94
C PRO A 262 9.73 -7.84 -16.46
N GLU A 263 9.06 -6.89 -17.10
CA GLU A 263 7.70 -6.61 -16.64
C GLU A 263 6.75 -7.77 -16.85
N TRP A 264 7.07 -8.72 -17.72
CA TRP A 264 6.15 -9.81 -17.99
C TRP A 264 6.13 -10.88 -16.91
N LEU A 265 7.01 -10.76 -15.90
CA LEU A 265 6.89 -11.58 -14.69
C LEU A 265 5.80 -11.06 -13.77
N ASN A 266 5.41 -9.80 -13.92
CA ASN A 266 4.34 -9.19 -13.11
C ASN A 266 4.52 -9.55 -11.64
N GLY A 267 5.65 -9.13 -11.08
CA GLY A 267 6.06 -9.60 -9.79
C GLY A 267 5.72 -8.67 -8.65
N PHE A 268 5.64 -9.25 -7.44
CA PHE A 268 5.70 -8.49 -6.18
C PHE A 268 6.51 -9.31 -5.17
N VAL A 269 6.99 -8.64 -4.12
CA VAL A 269 7.74 -9.30 -3.05
C VAL A 269 6.96 -9.22 -1.74
N ALA A 270 6.91 -10.34 -1.01
CA ALA A 270 6.17 -10.37 0.26
C ALA A 270 6.79 -11.38 1.21
N LYS A 271 6.66 -11.13 2.52
CA LYS A 271 7.15 -12.10 3.49
C LYS A 271 6.08 -13.13 3.82
N GLY A 272 6.55 -14.38 3.98
CA GLY A 272 5.71 -15.42 4.56
C GLY A 272 5.23 -15.05 5.96
N VAL A 273 4.04 -15.52 6.29
CA VAL A 273 3.42 -15.25 7.60
C VAL A 273 2.77 -16.52 8.13
N ASN A 274 3.23 -17.00 9.28
CA ASN A 274 2.64 -18.19 9.87
C ASN A 274 1.37 -17.88 10.65
N LEU A 275 1.16 -16.62 11.03
CA LEU A 275 -0.11 -16.15 11.59
C LEU A 275 -0.75 -15.25 10.55
N SER A 276 -2.00 -15.55 10.16
CA SER A 276 -2.65 -14.74 9.14
C SER A 276 -2.78 -13.28 9.58
N PRO A 277 -2.46 -12.34 8.71
CA PRO A 277 -2.79 -10.94 8.98
C PRO A 277 -4.21 -10.72 9.42
N LEU A 278 -5.14 -11.52 8.91
CA LEU A 278 -6.52 -11.39 9.41
C LEU A 278 -6.58 -11.61 10.92
N HIS A 279 -5.91 -12.64 11.40
CA HIS A 279 -6.03 -12.94 12.80
C HIS A 279 -5.18 -12.01 13.65
N ARG A 280 -4.10 -11.46 13.08
CA ARG A 280 -3.35 -10.45 13.80
C ARG A 280 -4.19 -9.18 13.96
N ALA A 281 -4.97 -8.83 12.93
CA ALA A 281 -5.92 -7.72 13.04
C ALA A 281 -7.00 -7.99 14.09
N MET A 282 -7.47 -9.23 14.20
CA MET A 282 -8.56 -9.48 15.10
C MET A 282 -8.16 -9.31 16.57
N LEU A 283 -6.88 -9.37 16.90
CA LEU A 283 -6.48 -9.24 18.32
C LEU A 283 -6.89 -7.90 18.93
N ARG B 2 7.59 1.48 -19.14
CA ARG B 2 6.93 2.12 -17.99
C ARG B 2 7.80 2.06 -16.73
N THR B 3 7.94 3.19 -16.03
CA THR B 3 8.72 3.27 -14.79
C THR B 3 7.87 3.93 -13.71
N GLN B 4 8.09 3.52 -12.45
CA GLN B 4 7.38 4.05 -11.29
C GLN B 4 8.33 4.80 -10.37
N TRP B 5 7.85 5.93 -9.81
CA TRP B 5 8.67 6.83 -9.02
C TRP B 5 7.92 7.33 -7.79
N PRO B 6 8.57 7.31 -6.62
CA PRO B 6 7.93 7.78 -5.39
C PRO B 6 7.83 9.29 -5.33
N SER B 7 6.82 9.73 -4.61
CA SER B 7 6.60 11.15 -4.36
C SER B 7 6.19 11.27 -2.88
N PRO B 8 7.16 11.40 -1.97
CA PRO B 8 6.85 11.31 -0.53
C PRO B 8 6.26 12.59 0.01
N ALA B 9 5.55 12.46 1.13
CA ALA B 9 5.21 13.66 1.88
C ALA B 9 6.40 14.26 2.61
N LYS B 10 6.22 15.52 3.03
CA LYS B 10 7.06 16.14 4.05
C LYS B 10 6.24 16.57 5.27
N LEU B 11 6.97 16.76 6.39
CA LEU B 11 6.50 17.44 7.59
C LEU B 11 7.41 18.63 7.83
N ASN B 12 6.86 19.76 8.25
CA ASN B 12 7.67 20.79 8.92
C ASN B 12 7.75 20.39 10.38
N LEU B 13 8.91 19.90 10.82
CA LEU B 13 9.03 19.49 12.22
C LEU B 13 8.98 20.70 13.13
N PHE B 14 9.44 21.86 12.64
CA PHE B 14 9.18 23.16 13.25
C PHE B 14 9.05 24.20 12.15
N LEU B 15 8.47 25.35 12.48
CA LEU B 15 8.26 26.37 11.44
C LEU B 15 8.16 27.73 12.10
N TYR B 16 9.05 28.64 11.75
CA TYR B 16 9.10 29.98 12.33
C TYR B 16 9.03 30.96 11.18
N ILE B 17 8.19 31.99 11.32
CA ILE B 17 8.05 33.00 10.28
C ILE B 17 8.85 34.23 10.70
N THR B 18 9.84 34.61 9.88
CA THR B 18 10.78 35.65 10.30
C THR B 18 10.52 36.99 9.63
N GLY B 19 9.71 37.03 8.58
CA GLY B 19 9.30 38.28 7.98
C GLY B 19 8.56 38.05 6.68
N GLN B 20 8.29 39.15 5.99
CA GLN B 20 7.60 39.02 4.70
C GLN B 20 8.29 39.87 3.64
N ARG B 21 8.44 39.29 2.47
CA ARG B 21 9.11 39.91 1.34
C ARG B 21 8.13 40.77 0.55
N ALA B 22 8.69 41.68 -0.23
CA ALA B 22 7.82 42.57 -0.99
C ALA B 22 7.12 41.84 -2.13
N ASP B 23 7.54 40.63 -2.48
CA ASP B 23 6.79 39.85 -3.45
C ASP B 23 5.68 39.01 -2.81
N GLY B 24 5.40 39.20 -1.50
CA GLY B 24 4.37 38.51 -0.77
C GLY B 24 4.81 37.25 -0.04
N TYR B 25 5.88 36.62 -0.48
CA TYR B 25 6.37 35.41 0.18
C TYR B 25 6.95 35.77 1.53
N HIS B 26 6.91 34.79 2.43
CA HIS B 26 7.44 34.92 3.77
C HIS B 26 8.83 34.29 3.92
N THR B 27 9.69 34.97 4.68
CA THR B 27 10.94 34.33 5.04
C THR B 27 10.68 33.49 6.28
N LEU B 28 11.37 32.35 6.36
CA LEU B 28 11.06 31.41 7.41
C LEU B 28 12.32 30.66 7.82
N GLN B 29 12.21 29.91 8.92
CA GLN B 29 13.21 28.92 9.29
C GLN B 29 12.41 27.67 9.62
N THR B 30 12.70 26.58 8.93
CA THR B 30 11.91 25.38 9.10
C THR B 30 12.83 24.18 9.01
N LEU B 31 12.36 23.06 9.54
CA LEU B 31 13.06 21.78 9.44
C LEU B 31 12.15 20.81 8.69
N PHE B 32 12.59 20.39 7.48
CA PHE B 32 11.86 19.44 6.67
C PHE B 32 12.35 18.03 6.96
N GLN B 33 11.41 17.10 7.16
CA GLN B 33 11.69 15.68 7.11
C GLN B 33 10.67 15.03 6.20
N PHE B 34 11.09 14.03 5.42
CA PHE B 34 10.13 13.33 4.58
C PHE B 34 9.41 12.27 5.39
N LEU B 35 8.30 11.79 4.83
CA LEU B 35 7.67 10.57 5.32
C LEU B 35 7.88 9.49 4.29
N ASP B 36 8.02 8.24 4.77
CA ASP B 36 8.07 7.06 3.92
C ASP B 36 6.64 6.63 3.61
N TYR B 37 5.96 7.52 2.87
CA TYR B 37 4.54 7.43 2.58
C TYR B 37 4.22 8.50 1.57
N GLY B 38 3.55 8.16 0.48
CA GLY B 38 3.18 9.23 -0.43
C GLY B 38 2.61 8.65 -1.71
N ASP B 39 2.70 9.44 -2.76
CA ASP B 39 2.11 9.09 -4.04
C ASP B 39 3.09 8.27 -4.89
N THR B 40 2.55 7.62 -5.91
CA THR B 40 3.41 6.96 -6.89
C THR B 40 3.09 7.48 -8.28
N ILE B 41 4.13 7.86 -9.02
CA ILE B 41 3.98 8.42 -10.36
C ILE B 41 4.55 7.43 -11.37
N SER B 42 3.74 7.10 -12.39
CA SER B 42 4.18 6.22 -13.46
C SER B 42 4.35 7.01 -14.74
N ILE B 43 5.43 6.72 -15.45
CA ILE B 43 5.76 7.47 -16.63
C ILE B 43 6.00 6.51 -17.79
N GLU B 44 5.40 6.82 -18.91
CA GLU B 44 5.52 6.09 -20.17
C GLU B 44 5.92 7.13 -21.21
N LEU B 45 7.09 6.97 -21.82
CA LEU B 45 7.55 7.97 -22.77
C LEU B 45 6.70 8.03 -24.03
N ARG B 46 6.57 9.22 -24.60
CA ARG B 46 5.96 9.45 -25.90
C ARG B 46 7.06 9.89 -26.87
N ASP B 47 6.78 9.77 -28.15
CA ASP B 47 7.74 10.22 -29.15
C ASP B 47 7.13 11.29 -30.06
N ASP B 48 5.94 11.77 -29.75
CA ASP B 48 5.28 12.83 -30.50
C ASP B 48 5.41 14.18 -29.82
N GLY B 49 6.24 14.28 -28.77
CA GLY B 49 6.48 15.54 -28.12
C GLY B 49 5.39 16.02 -27.20
N ASP B 50 4.35 15.23 -27.00
CA ASP B 50 3.22 15.66 -26.19
C ASP B 50 3.39 15.25 -24.73
N ILE B 51 2.69 15.97 -23.85
CA ILE B 51 2.64 15.64 -22.44
C ILE B 51 1.17 15.39 -22.06
N ARG B 52 0.87 14.20 -21.59
CA ARG B 52 -0.48 13.86 -21.14
C ARG B 52 -0.45 13.44 -19.68
N LEU B 53 -1.37 13.99 -18.90
CA LEU B 53 -1.69 13.49 -17.57
C LEU B 53 -2.93 12.62 -17.73
N LEU B 54 -2.74 11.32 -17.54
CA LEU B 54 -3.80 10.35 -17.79
C LEU B 54 -4.70 10.11 -16.61
N THR B 55 -4.31 10.56 -15.43
CA THR B 55 -5.08 10.35 -14.20
C THR B 55 -5.17 11.70 -13.51
N PRO B 56 -6.32 12.37 -13.54
CA PRO B 56 -6.45 13.63 -12.82
C PRO B 56 -6.31 13.44 -11.30
N VAL B 57 -5.89 14.52 -10.66
CA VAL B 57 -5.84 14.59 -9.22
C VAL B 57 -7.11 15.30 -8.74
N GLU B 58 -7.89 14.60 -7.91
CA GLU B 58 -9.15 15.15 -7.41
C GLU B 58 -8.95 16.57 -6.88
N GLY B 59 -9.74 17.50 -7.41
CA GLY B 59 -9.74 18.88 -6.96
C GLY B 59 -8.70 19.77 -7.57
N VAL B 60 -7.85 19.25 -8.44
CA VAL B 60 -6.80 20.03 -9.08
C VAL B 60 -7.10 20.11 -10.58
N GLU B 61 -7.26 21.33 -11.09
CA GLU B 61 -7.52 21.47 -12.51
C GLU B 61 -6.29 21.10 -13.31
N HIS B 62 -6.54 20.53 -14.47
CA HIS B 62 -5.44 20.03 -15.31
C HIS B 62 -4.35 21.09 -15.51
N GLU B 63 -4.72 22.32 -15.84
CA GLU B 63 -3.72 23.33 -16.18
C GLU B 63 -2.98 23.83 -14.95
N ASP B 64 -3.55 23.63 -13.76
CA ASP B 64 -2.93 23.99 -12.49
C ASP B 64 -2.06 22.88 -11.92
N ASN B 65 -2.17 21.68 -12.46
CA ASN B 65 -1.54 20.53 -11.83
C ASN B 65 -0.03 20.64 -11.96
N LEU B 66 0.67 20.60 -10.82
CA LEU B 66 2.12 20.73 -10.80
C LEU B 66 2.82 19.65 -11.61
N ILE B 67 2.19 18.47 -11.79
CA ILE B 67 2.75 17.43 -12.67
C ILE B 67 2.88 17.97 -14.09
N VAL B 68 1.79 18.55 -14.61
CA VAL B 68 1.80 19.09 -15.98
C VAL B 68 2.71 20.31 -16.08
N ARG B 69 2.63 21.21 -15.10
CA ARG B 69 3.48 22.39 -15.13
C ARG B 69 4.96 22.02 -15.10
N ALA B 70 5.35 21.04 -14.26
CA ALA B 70 6.74 20.63 -14.13
C ALA B 70 7.23 20.03 -15.44
N ALA B 71 6.42 19.15 -16.04
CA ALA B 71 6.84 18.55 -17.30
C ALA B 71 6.97 19.59 -18.39
N ARG B 72 5.99 20.51 -18.50
CA ARG B 72 6.10 21.56 -19.52
C ARG B 72 7.35 22.42 -19.32
N LEU B 73 7.66 22.74 -18.06
CA LEU B 73 8.80 23.60 -17.76
C LEU B 73 10.13 22.92 -18.08
N LEU B 74 10.24 21.64 -17.71
CA LEU B 74 11.47 20.91 -18.06
C LEU B 74 11.60 20.79 -19.56
N MET B 75 10.52 20.39 -20.24
CA MET B 75 10.51 20.30 -21.70
C MET B 75 11.03 21.59 -22.32
N LYS B 76 10.48 22.74 -21.91
CA LYS B 76 10.86 24.00 -22.52
C LYS B 76 12.31 24.34 -22.22
N THR B 77 12.71 24.21 -20.94
CA THR B 77 14.06 24.58 -20.52
C THR B 77 15.09 23.73 -21.24
N ALA B 78 14.87 22.41 -21.27
CA ALA B 78 15.80 21.53 -21.97
C ALA B 78 15.85 21.84 -23.45
N ALA B 79 14.70 22.15 -24.06
CA ALA B 79 14.72 22.36 -25.50
C ALA B 79 15.48 23.64 -25.85
N ASP B 80 15.45 24.62 -24.97
CA ASP B 80 16.11 25.89 -25.23
C ASP B 80 17.62 25.84 -25.04
N SER B 81 18.17 24.73 -24.55
CA SER B 81 19.60 24.58 -24.33
C SER B 81 20.13 23.37 -25.08
N GLY B 82 19.33 22.87 -26.03
CA GLY B 82 19.71 21.75 -26.87
C GLY B 82 19.66 20.39 -26.24
N ARG B 83 19.11 20.27 -25.02
CA ARG B 83 19.24 19.01 -24.30
C ARG B 83 17.99 18.12 -24.39
N LEU B 84 17.14 18.33 -25.38
CA LEU B 84 15.89 17.57 -25.44
C LEU B 84 15.86 16.73 -26.69
N PRO B 85 16.03 15.41 -26.56
CA PRO B 85 15.87 14.51 -27.71
C PRO B 85 14.59 14.82 -28.48
N THR B 86 14.69 14.77 -29.81
CA THR B 86 13.62 15.28 -30.66
C THR B 86 12.28 14.63 -30.32
N GLY B 87 12.27 13.31 -30.18
CA GLY B 87 11.02 12.67 -29.82
C GLY B 87 10.76 12.57 -28.32
N SER B 88 10.59 13.70 -27.63
CA SER B 88 10.48 13.66 -26.17
C SER B 88 9.10 14.10 -25.70
N GLY B 89 8.37 13.17 -25.10
CA GLY B 89 7.08 13.45 -24.50
C GLY B 89 6.86 12.40 -23.44
N ALA B 90 5.67 12.44 -22.82
CA ALA B 90 5.41 11.51 -21.75
C ALA B 90 3.93 11.41 -21.49
N ASN B 91 3.51 10.20 -21.15
CA ASN B 91 2.24 9.92 -20.50
C ASN B 91 2.52 9.74 -19.02
N ILE B 92 1.82 10.48 -18.17
CA ILE B 92 2.11 10.47 -16.74
C ILE B 92 0.82 10.09 -16.04
N SER B 93 0.92 9.16 -15.11
CA SER B 93 -0.20 8.70 -14.30
C SER B 93 0.24 8.79 -12.85
N ILE B 94 -0.72 8.97 -11.96
CA ILE B 94 -0.35 9.11 -10.55
C ILE B 94 -1.35 8.39 -9.70
N ASP B 95 -0.86 7.58 -8.78
CA ASP B 95 -1.67 7.02 -7.72
C ASP B 95 -1.56 7.97 -6.53
N LYS B 96 -2.63 8.73 -6.26
CA LYS B 96 -2.56 9.81 -5.29
C LYS B 96 -3.04 9.30 -3.94
N ARG B 97 -2.12 9.23 -2.97
CA ARG B 97 -2.45 8.84 -1.60
C ARG B 97 -2.46 10.02 -0.64
N LEU B 98 -1.77 11.10 -0.96
CA LEU B 98 -1.66 12.26 -0.07
C LEU B 98 -2.85 13.19 -0.23
N PRO B 99 -3.35 13.76 0.86
CA PRO B 99 -4.42 14.74 0.73
C PRO B 99 -3.93 15.94 -0.07
N VAL B 100 -4.86 16.56 -0.80
CA VAL B 100 -4.59 17.78 -1.53
C VAL B 100 -4.67 18.97 -0.56
N GLY B 101 -3.55 19.67 -0.40
CA GLY B 101 -3.56 20.96 0.30
C GLY B 101 -3.58 20.96 1.81
N GLY B 102 -3.06 19.93 2.46
CA GLY B 102 -3.02 19.83 3.92
C GLY B 102 -1.70 20.14 4.63
N GLY B 103 -0.69 20.61 3.93
CA GLY B 103 0.56 20.93 4.59
C GLY B 103 1.64 19.87 4.48
N LEU B 104 1.41 18.83 3.69
CA LEU B 104 2.36 17.75 3.49
C LEU B 104 3.18 17.97 2.23
N GLY B 105 2.90 19.04 1.48
CA GLY B 105 3.64 19.34 0.24
C GLY B 105 3.45 18.35 -0.90
N GLY B 106 2.35 17.60 -0.94
CA GLY B 106 2.23 16.54 -1.92
C GLY B 106 2.30 17.01 -3.36
N GLY B 107 1.74 18.18 -3.64
CA GLY B 107 1.77 18.68 -5.02
C GLY B 107 3.17 19.08 -5.44
N SER B 108 3.93 19.66 -4.51
CA SER B 108 5.32 19.99 -4.80
C SER B 108 6.18 18.76 -4.86
N SER B 109 5.89 17.77 -4.02
CA SER B 109 6.56 16.48 -4.15
C SER B 109 6.29 15.90 -5.54
N ASN B 110 5.04 15.99 -6.01
CA ASN B 110 4.73 15.51 -7.36
C ASN B 110 5.57 16.24 -8.40
N ALA B 111 5.69 17.56 -8.28
CA ALA B 111 6.49 18.32 -9.25
C ALA B 111 7.95 17.90 -9.20
N ALA B 112 8.49 17.74 -8.00
CA ALA B 112 9.88 17.31 -7.86
C ALA B 112 10.11 15.95 -8.50
N THR B 113 9.25 15.00 -8.25
CA THR B 113 9.41 13.67 -8.81
C THR B 113 9.38 13.71 -10.33
N VAL B 114 8.44 14.48 -10.89
CA VAL B 114 8.37 14.58 -12.34
C VAL B 114 9.64 15.21 -12.90
N LEU B 115 10.14 16.28 -12.26
CA LEU B 115 11.39 16.91 -12.74
C LEU B 115 12.55 15.93 -12.72
N VAL B 116 12.72 15.21 -11.62
CA VAL B 116 13.86 14.31 -11.48
C VAL B 116 13.72 13.12 -12.41
N ALA B 117 12.51 12.53 -12.46
CA ALA B 117 12.28 11.36 -13.29
C ALA B 117 12.43 11.70 -14.78
N LEU B 118 11.82 12.80 -15.23
CA LEU B 118 11.86 13.09 -16.66
C LEU B 118 13.26 13.54 -17.02
N ASN B 119 13.95 14.25 -16.12
CA ASN B 119 15.32 14.61 -16.44
C ASN B 119 16.14 13.35 -16.76
N HIS B 120 15.99 12.31 -15.94
CA HIS B 120 16.69 11.05 -16.18
C HIS B 120 16.19 10.36 -17.44
N LEU B 121 14.87 10.25 -17.58
CA LEU B 121 14.30 9.44 -18.66
C LEU B 121 14.48 10.10 -20.02
N TRP B 122 14.39 11.43 -20.08
CA TRP B 122 14.63 12.17 -21.32
C TRP B 122 16.10 12.43 -21.56
N GLN B 123 16.94 12.15 -20.57
CA GLN B 123 18.39 12.33 -20.70
C GLN B 123 18.74 13.80 -20.89
N CYS B 124 18.06 14.68 -20.16
CA CYS B 124 18.39 16.09 -20.26
C CYS B 124 19.71 16.46 -19.57
N GLY B 125 20.19 15.62 -18.67
CA GLY B 125 21.46 15.87 -18.00
C GLY B 125 21.52 17.06 -17.08
N LEU B 126 20.40 17.59 -16.62
CA LEU B 126 20.46 18.76 -15.78
C LEU B 126 20.96 18.38 -14.40
N SER B 127 21.72 19.28 -13.79
CA SER B 127 22.24 19.02 -12.45
C SER B 127 21.17 19.20 -11.38
N MET B 128 21.49 18.71 -10.16
CA MET B 128 20.57 18.91 -9.04
C MET B 128 20.28 20.39 -8.84
N ASP B 129 21.31 21.23 -8.89
CA ASP B 129 21.09 22.65 -8.63
C ASP B 129 20.24 23.27 -9.74
N GLU B 130 20.43 22.80 -10.97
CA GLU B 130 19.60 23.29 -12.06
C GLU B 130 18.14 22.88 -11.83
N LEU B 131 17.90 21.62 -11.46
CA LEU B 131 16.53 21.17 -11.22
C LEU B 131 15.92 21.89 -10.02
N ALA B 132 16.71 22.15 -8.97
CA ALA B 132 16.15 22.82 -7.79
C ALA B 132 15.76 24.28 -8.11
N GLU B 133 16.54 24.97 -8.96
CA GLU B 133 16.14 26.30 -9.40
C GLU B 133 14.86 26.27 -10.24
N MET B 134 14.80 25.35 -11.22
CA MET B 134 13.56 25.09 -11.93
C MET B 134 12.42 24.87 -10.98
N GLY B 135 12.66 24.02 -9.97
CA GLY B 135 11.63 23.72 -9.00
C GLY B 135 11.14 24.95 -8.27
N LEU B 136 12.07 25.82 -7.83
CA LEU B 136 11.67 27.04 -7.13
C LEU B 136 10.67 27.87 -7.93
N THR B 137 10.87 28.01 -9.26
CA THR B 137 9.89 28.80 -10.00
C THR B 137 8.49 28.22 -9.95
N LEU B 138 8.33 26.93 -9.63
CA LEU B 138 7.02 26.32 -9.47
C LEU B 138 6.46 26.47 -8.07
N GLY B 139 7.32 26.49 -7.05
CA GLY B 139 6.82 26.66 -5.69
C GLY B 139 7.93 26.52 -4.70
N ALA B 140 7.89 27.27 -3.58
CA ALA B 140 9.01 27.17 -2.66
C ALA B 140 9.06 25.83 -1.94
N ASP B 141 7.99 25.02 -2.00
CA ASP B 141 8.02 23.64 -1.49
C ASP B 141 8.86 22.69 -2.35
N VAL B 142 9.08 22.99 -3.62
CA VAL B 142 9.67 22.01 -4.55
C VAL B 142 11.14 21.72 -4.30
N PRO B 143 12.01 22.70 -4.03
CA PRO B 143 13.45 22.37 -3.92
C PRO B 143 13.81 21.31 -2.86
N VAL B 144 13.18 21.30 -1.67
CA VAL B 144 13.63 20.31 -0.69
C VAL B 144 13.43 18.91 -1.27
N PHE B 145 12.36 18.71 -2.05
CA PHE B 145 12.08 17.38 -2.59
C PHE B 145 13.06 17.04 -3.69
N VAL B 146 13.40 18.03 -4.49
CA VAL B 146 14.38 17.77 -5.55
C VAL B 146 15.73 17.40 -4.95
N ARG B 147 16.16 18.11 -3.90
CA ARG B 147 17.48 17.81 -3.35
C ARG B 147 17.50 16.53 -2.53
N GLY B 148 16.36 16.14 -1.94
CA GLY B 148 16.14 14.79 -1.44
C GLY B 148 16.62 14.45 -0.06
N HIS B 149 16.98 15.44 0.77
CA HIS B 149 17.42 15.13 2.14
C HIS B 149 16.64 15.96 3.15
N ALA B 150 16.35 15.37 4.30
CA ALA B 150 15.90 16.18 5.44
C ALA B 150 16.84 17.36 5.61
N ALA B 151 16.28 18.53 5.93
CA ALA B 151 17.10 19.73 5.84
C ALA B 151 16.51 20.87 6.67
N PHE B 152 17.40 21.65 7.26
CA PHE B 152 17.06 22.96 7.79
C PHE B 152 16.98 23.90 6.61
N ALA B 153 15.92 24.72 6.56
CA ALA B 153 15.66 25.61 5.43
C ALA B 153 15.43 27.03 5.93
N GLU B 154 16.09 28.00 5.29
CA GLU B 154 15.78 29.41 5.51
C GLU B 154 15.43 30.04 4.18
N GLY B 155 15.61 31.35 4.05
CA GLY B 155 15.10 31.97 2.83
C GLY B 155 13.59 31.86 2.86
N VAL B 156 13.02 31.50 1.72
CA VAL B 156 11.59 31.18 1.63
C VAL B 156 11.36 29.68 1.73
N GLY B 157 12.41 28.92 2.00
CA GLY B 157 12.28 27.48 2.15
C GLY B 157 13.30 26.77 1.27
N GLU B 158 14.05 27.55 0.49
CA GLU B 158 14.93 26.98 -0.50
C GLU B 158 16.42 27.03 -0.15
N ILE B 159 16.81 27.70 0.92
CA ILE B 159 18.21 27.70 1.35
C ILE B 159 18.36 26.53 2.31
N LEU B 160 18.89 25.42 1.82
CA LEU B 160 18.77 24.12 2.46
C LEU B 160 20.10 23.62 3.01
N THR B 161 20.07 23.20 4.28
CA THR B 161 21.22 22.59 4.96
C THR B 161 20.84 21.19 5.41
N PRO B 162 21.37 20.13 4.81
CA PRO B 162 20.96 18.79 5.22
C PRO B 162 21.28 18.54 6.67
N VAL B 163 20.33 17.89 7.34
CA VAL B 163 20.50 17.45 8.72
C VAL B 163 19.79 16.11 8.87
N ASP B 164 19.96 15.46 10.02
CA ASP B 164 19.46 14.11 10.23
C ASP B 164 18.69 13.99 11.54
N PRO B 165 17.49 14.53 11.58
CA PRO B 165 16.65 14.37 12.79
C PRO B 165 16.24 12.92 12.98
N PRO B 166 15.86 12.53 14.19
CA PRO B 166 15.44 11.14 14.39
C PRO B 166 14.28 10.77 13.49
N GLU B 167 14.33 9.54 12.96
CA GLU B 167 13.30 9.02 12.07
C GLU B 167 12.24 8.33 12.93
N LYS B 168 11.40 9.17 13.55
CA LYS B 168 10.29 8.82 14.42
C LYS B 168 9.11 8.28 13.62
N TRP B 169 8.12 7.81 14.35
CA TRP B 169 6.87 7.40 13.75
C TRP B 169 5.82 8.46 13.98
N TYR B 170 4.99 8.73 12.98
CA TYR B 170 4.04 9.83 13.07
C TYR B 170 2.65 9.33 12.78
N LEU B 171 1.68 9.85 13.52
CA LEU B 171 0.27 9.76 13.14
C LEU B 171 -0.08 11.09 12.52
N VAL B 172 -0.34 11.10 11.22
CA VAL B 172 -0.70 12.30 10.49
C VAL B 172 -2.20 12.32 10.34
N ALA B 173 -2.85 13.35 10.84
CA ALA B 173 -4.30 13.46 10.74
C ALA B 173 -4.69 14.64 9.86
N HIS B 174 -5.86 14.54 9.23
CA HIS B 174 -6.29 15.53 8.24
C HIS B 174 -7.65 16.00 8.73
N PRO B 175 -7.70 17.10 9.47
CA PRO B 175 -8.98 17.71 9.82
C PRO B 175 -9.80 17.92 8.56
N GLY B 176 -11.11 17.71 8.69
CA GLY B 176 -11.99 17.79 7.56
C GLY B 176 -12.33 19.22 7.21
N VAL B 177 -11.34 19.95 6.67
CA VAL B 177 -11.53 21.33 6.26
C VAL B 177 -10.36 21.77 5.37
N SER B 178 -10.64 22.73 4.49
CA SER B 178 -9.68 23.24 3.52
C SER B 178 -9.14 24.57 4.01
N ILE B 179 -7.82 24.70 4.04
CA ILE B 179 -7.13 25.91 4.45
C ILE B 179 -6.18 26.26 3.31
N PRO B 180 -6.62 27.02 2.30
CA PRO B 180 -5.68 27.49 1.27
C PRO B 180 -4.53 28.24 1.94
N THR B 181 -3.30 27.87 1.59
CA THR B 181 -2.15 28.46 2.28
C THR B 181 -2.21 29.98 2.36
N PRO B 182 -2.57 30.70 1.29
CA PRO B 182 -2.76 32.15 1.44
C PRO B 182 -3.69 32.56 2.60
N VAL B 183 -4.65 31.73 3.01
CA VAL B 183 -5.57 32.16 4.06
C VAL B 183 -4.81 32.45 5.35
N ILE B 184 -3.89 31.56 5.73
CA ILE B 184 -3.03 31.78 6.89
C ILE B 184 -1.98 32.85 6.61
N PHE B 185 -1.25 32.70 5.50
CA PHE B 185 -0.21 33.65 5.13
C PHE B 185 -0.72 35.05 4.89
N LYS B 186 -2.03 35.25 4.75
CA LYS B 186 -2.59 36.59 4.63
C LYS B 186 -3.23 37.08 5.92
N ASP B 187 -3.20 36.27 6.98
CA ASP B 187 -3.91 36.63 8.21
C ASP B 187 -3.19 37.75 8.94
N PRO B 188 -3.89 38.80 9.37
CA PRO B 188 -3.21 39.94 10.03
C PRO B 188 -2.51 39.57 11.32
N GLU B 189 -2.99 38.55 12.04
CA GLU B 189 -2.38 38.18 13.32
C GLU B 189 -1.29 37.14 13.22
N LEU B 190 -0.98 36.63 12.03
CA LEU B 190 0.09 35.65 11.92
C LEU B 190 1.41 36.23 12.41
N PRO B 191 2.18 35.50 13.23
CA PRO B 191 3.53 35.98 13.56
C PRO B 191 4.36 36.17 12.30
N ARG B 192 5.01 37.31 12.19
CA ARG B 192 5.84 37.60 11.02
C ARG B 192 7.14 38.24 11.45
N ASN B 193 7.48 38.12 12.73
CA ASN B 193 8.66 38.74 13.30
C ASN B 193 9.38 37.82 14.29
N THR B 194 9.22 36.50 14.19
CA THR B 194 10.02 35.62 15.03
C THR B 194 11.50 35.83 14.72
N PRO B 195 12.34 36.03 15.73
CA PRO B 195 13.76 36.33 15.42
C PRO B 195 14.44 35.19 14.68
N LYS B 196 15.26 35.54 13.69
CA LYS B 196 16.11 34.53 13.07
C LYS B 196 17.13 34.01 14.08
N ARG B 197 17.24 32.70 14.17
CA ARG B 197 18.13 32.09 15.15
C ARG B 197 19.05 31.12 14.45
N SER B 198 20.17 30.80 15.09
CA SER B 198 21.08 29.81 14.54
C SER B 198 20.47 28.40 14.55
N ILE B 199 20.90 27.57 13.58
CA ILE B 199 20.43 26.18 13.54
C ILE B 199 20.66 25.51 14.88
N GLU B 200 21.86 25.70 15.44
CA GLU B 200 22.14 25.11 16.74
C GLU B 200 21.09 25.49 17.76
N THR B 201 20.71 26.76 17.81
CA THR B 201 19.72 27.17 18.79
C THR B 201 18.35 26.54 18.51
N LEU B 202 17.98 26.47 17.24
CA LEU B 202 16.66 25.96 16.89
C LEU B 202 16.54 24.48 17.19
N LEU B 203 17.64 23.71 17.08
CA LEU B 203 17.55 22.29 17.40
C LEU B 203 17.38 22.01 18.90
N LYS B 204 17.76 22.94 19.79
CA LYS B 204 17.59 22.67 21.20
C LYS B 204 16.32 23.28 21.78
N CYS B 205 15.72 24.27 21.10
CA CYS B 205 14.47 24.85 21.54
C CYS B 205 13.30 23.91 21.26
N GLU B 206 12.28 23.98 22.11
CA GLU B 206 11.01 23.29 21.84
C GLU B 206 10.59 23.55 20.40
N PHE B 207 10.21 22.49 19.69
CA PHE B 207 9.77 22.63 18.30
C PHE B 207 8.33 23.13 18.29
N SER B 208 8.07 24.20 17.52
CA SER B 208 6.69 24.67 17.35
C SER B 208 6.48 25.20 15.93
N ASN B 209 5.22 25.45 15.59
CA ASN B 209 4.84 25.95 14.27
C ASN B 209 4.09 27.28 14.49
N ASP B 210 4.69 28.38 14.05
CA ASP B 210 4.12 29.72 14.21
C ASP B 210 2.71 29.88 13.62
N CYS B 211 2.31 29.05 12.65
CA CYS B 211 0.97 29.11 12.05
C CYS B 211 -0.09 28.41 12.88
N GLU B 212 0.29 27.65 13.90
CA GLU B 212 -0.69 26.77 14.55
C GLU B 212 -1.72 27.57 15.34
N VAL B 213 -1.28 28.55 16.14
CA VAL B 213 -2.24 29.25 16.99
C VAL B 213 -3.32 29.92 16.15
N ILE B 214 -2.97 30.40 14.96
CA ILE B 214 -3.95 30.99 14.05
C ILE B 214 -4.86 29.90 13.47
N ALA B 215 -4.28 28.82 12.96
CA ALA B 215 -5.09 27.75 12.37
C ALA B 215 -6.03 27.13 13.40
N ARG B 216 -5.58 27.00 14.67
CA ARG B 216 -6.48 26.46 15.71
C ARG B 216 -7.61 27.42 16.02
N LYS B 217 -7.34 28.73 16.02
CA LYS B 217 -8.36 29.74 16.33
C LYS B 217 -9.38 29.85 15.21
N ARG B 218 -8.92 29.83 13.96
CA ARG B 218 -9.78 30.08 12.82
C ARG B 218 -10.54 28.85 12.37
N PHE B 219 -10.01 27.64 12.61
CA PHE B 219 -10.66 26.42 12.13
C PHE B 219 -10.96 25.49 13.29
N ARG B 220 -12.25 25.35 13.63
CA ARG B 220 -12.65 24.49 14.73
C ARG B 220 -12.24 23.06 14.45
N GLU B 221 -12.23 22.65 13.17
CA GLU B 221 -11.85 21.28 12.87
C GLU B 221 -10.40 21.02 13.21
N VAL B 222 -9.54 22.02 13.05
CA VAL B 222 -8.12 21.84 13.37
C VAL B 222 -7.94 21.79 14.88
N ASP B 223 -8.62 22.69 15.58
CA ASP B 223 -8.62 22.66 17.04
C ASP B 223 -9.09 21.32 17.56
N ALA B 224 -10.11 20.74 16.92
CA ALA B 224 -10.65 19.47 17.41
C ALA B 224 -9.62 18.34 17.27
N VAL B 225 -8.96 18.24 16.11
CA VAL B 225 -7.97 17.19 15.90
C VAL B 225 -6.76 17.39 16.80
N LEU B 226 -6.24 18.62 16.90
CA LEU B 226 -5.11 18.85 17.77
C LEU B 226 -5.46 18.56 19.21
N SER B 227 -6.64 19.02 19.66
CA SER B 227 -7.05 18.76 21.03
C SER B 227 -7.06 17.26 21.30
N TRP B 228 -7.59 16.49 20.35
CA TRP B 228 -7.67 15.05 20.56
C TRP B 228 -6.29 14.40 20.66
N LEU B 229 -5.40 14.71 19.71
CA LEU B 229 -4.10 14.06 19.68
C LEU B 229 -3.23 14.45 20.87
N LEU B 230 -3.36 15.69 21.35
CA LEU B 230 -2.46 16.17 22.39
C LEU B 230 -2.62 15.37 23.69
N GLU B 231 -3.75 14.68 23.83
CA GLU B 231 -3.96 13.82 25.00
C GLU B 231 -3.09 12.57 24.94
N TYR B 232 -2.58 12.20 23.76
CA TYR B 232 -1.78 11.01 23.57
C TYR B 232 -0.31 11.25 23.31
N ALA B 233 0.05 12.39 22.69
CA ALA B 233 1.41 12.55 22.18
C ALA B 233 1.69 13.99 21.86
N PRO B 234 2.94 14.43 21.90
CA PRO B 234 3.29 15.72 21.31
C PRO B 234 2.75 15.79 19.89
N SER B 235 2.02 16.87 19.58
CA SER B 235 1.32 17.02 18.31
C SER B 235 1.38 18.48 17.88
N ARG B 236 1.52 18.68 16.56
CA ARG B 236 1.63 20.03 16.00
C ARG B 236 1.08 20.06 14.59
N LEU B 237 0.78 21.29 14.13
CA LEU B 237 0.46 21.53 12.73
C LEU B 237 1.70 21.32 11.85
N THR B 238 1.46 20.91 10.62
CA THR B 238 2.52 20.94 9.61
C THR B 238 2.08 21.89 8.51
N GLY B 239 3.06 22.52 7.84
CA GLY B 239 2.73 23.56 6.89
C GLY B 239 1.81 24.61 7.49
N THR B 240 0.82 25.04 6.70
CA THR B 240 -0.23 25.92 7.20
C THR B 240 -1.47 25.11 7.55
N GLY B 241 -1.33 23.82 7.67
CA GLY B 241 -2.47 22.97 7.95
C GLY B 241 -3.21 22.61 6.67
N ALA B 242 -4.33 21.94 6.86
CA ALA B 242 -4.86 21.61 8.18
C ALA B 242 -4.25 20.37 8.82
N CYS B 243 -3.35 19.67 8.13
CA CYS B 243 -2.83 18.42 8.69
C CYS B 243 -2.10 18.67 9.99
N VAL B 244 -2.23 17.71 10.90
CA VAL B 244 -1.58 17.72 12.20
C VAL B 244 -0.87 16.39 12.33
N PHE B 245 0.29 16.40 13.00
CA PHE B 245 0.99 15.16 13.28
C PHE B 245 1.29 15.01 14.76
N ALA B 246 1.25 13.76 15.18
CA ALA B 246 1.62 13.36 16.53
C ALA B 246 2.85 12.46 16.41
N GLU B 247 3.81 12.63 17.32
CA GLU B 247 5.14 12.01 17.27
C GLU B 247 5.19 10.82 18.24
N PHE B 248 5.74 9.71 17.77
CA PHE B 248 5.86 8.48 18.56
C PHE B 248 7.22 7.85 18.35
N ASP B 249 7.69 7.09 19.35
CA ASP B 249 8.99 6.43 19.24
C ASP B 249 8.90 5.14 18.46
N THR B 250 7.74 4.50 18.46
CA THR B 250 7.54 3.21 17.79
C THR B 250 6.28 3.19 16.94
N GLU B 251 6.36 2.39 15.87
CA GLU B 251 5.23 2.12 15.00
C GLU B 251 4.04 1.57 15.78
N SER B 252 4.29 0.67 16.72
CA SER B 252 3.20 0.04 17.45
C SER B 252 2.41 1.09 18.25
N GLU B 253 3.12 2.03 18.88
CA GLU B 253 2.43 3.06 19.64
C GLU B 253 1.62 3.97 18.73
N ALA B 254 2.23 4.42 17.63
CA ALA B 254 1.50 5.25 16.68
C ALA B 254 0.22 4.56 16.23
N ARG B 255 0.34 3.27 15.90
CA ARG B 255 -0.80 2.55 15.35
C ARG B 255 -1.87 2.30 16.41
N GLN B 256 -1.48 2.16 17.69
CA GLN B 256 -2.47 1.93 18.74
C GLN B 256 -3.32 3.17 18.96
N VAL B 257 -2.71 4.36 18.90
CA VAL B 257 -3.50 5.59 18.97
C VAL B 257 -4.41 5.71 17.75
N LEU B 258 -3.89 5.37 16.56
CA LEU B 258 -4.69 5.44 15.33
C LEU B 258 -5.90 4.52 15.41
N GLU B 259 -5.71 3.33 16.00
CA GLU B 259 -6.82 2.39 16.15
C GLU B 259 -7.93 3.00 17.01
N GLN B 260 -7.58 3.82 18.01
CA GLN B 260 -8.57 4.45 18.87
C GLN B 260 -9.15 5.73 18.28
N ALA B 261 -8.67 6.18 17.11
CA ALA B 261 -9.03 7.54 16.75
C ALA B 261 -10.41 7.57 16.06
N PRO B 262 -11.25 8.54 16.39
CA PRO B 262 -12.46 8.70 15.58
C PRO B 262 -12.11 8.81 14.10
N GLU B 263 -13.09 8.48 13.28
CA GLU B 263 -12.91 8.53 11.83
C GLU B 263 -12.66 9.95 11.34
N TRP B 264 -13.15 10.96 12.06
CA TRP B 264 -12.99 12.32 11.58
C TRP B 264 -11.55 12.84 11.73
N LEU B 265 -10.64 12.04 12.31
CA LEU B 265 -9.24 12.42 12.30
C LEU B 265 -8.63 12.16 10.92
N ASN B 266 -9.22 11.26 10.12
CA ASN B 266 -8.73 10.89 8.78
C ASN B 266 -7.21 10.61 8.79
N GLY B 267 -6.79 9.67 9.64
CA GLY B 267 -5.37 9.55 9.96
C GLY B 267 -4.63 8.46 9.22
N PHE B 268 -3.32 8.64 9.10
CA PHE B 268 -2.44 7.54 8.67
C PHE B 268 -1.19 7.56 9.51
N VAL B 269 -0.46 6.43 9.53
CA VAL B 269 0.81 6.30 10.26
C VAL B 269 1.94 6.15 9.25
N ALA B 270 3.03 6.88 9.48
CA ALA B 270 4.18 6.81 8.58
C ALA B 270 5.46 7.07 9.37
N LYS B 271 6.55 6.49 8.89
CA LYS B 271 7.87 6.71 9.46
C LYS B 271 8.54 7.90 8.78
N GLY B 272 9.19 8.72 9.59
CA GLY B 272 10.04 9.76 9.04
C GLY B 272 11.21 9.16 8.28
N VAL B 273 11.68 9.91 7.30
CA VAL B 273 12.74 9.48 6.39
C VAL B 273 13.62 10.68 6.09
N ASN B 274 14.90 10.56 6.41
CA ASN B 274 15.82 11.65 6.12
C ASN B 274 16.40 11.62 4.72
N LEU B 275 16.35 10.46 4.04
CA LEU B 275 16.66 10.38 2.63
C LEU B 275 15.35 10.15 1.86
N SER B 276 15.05 11.03 0.91
CA SER B 276 13.84 10.86 0.11
C SER B 276 13.84 9.52 -0.61
N PRO B 277 12.74 8.77 -0.59
CA PRO B 277 12.61 7.58 -1.46
C PRO B 277 12.80 7.91 -2.92
N LEU B 278 12.48 9.15 -3.35
CA LEU B 278 12.78 9.48 -4.75
C LEU B 278 14.25 9.27 -5.06
N HIS B 279 15.11 9.71 -4.16
CA HIS B 279 16.52 9.59 -4.46
C HIS B 279 16.97 8.14 -4.41
N ARG B 280 16.46 7.35 -3.45
CA ARG B 280 16.80 5.93 -3.48
C ARG B 280 16.41 5.31 -4.80
N ALA B 281 15.23 5.66 -5.32
CA ALA B 281 14.82 5.14 -6.62
C ALA B 281 15.78 5.56 -7.71
PB ADP C . -6.95 -18.93 -7.33
O1B ADP C . -6.68 -19.64 -8.65
O2B ADP C . -6.78 -19.87 -6.16
O3B ADP C . -6.27 -17.59 -7.12
PA ADP C . -9.28 -17.43 -6.56
O1A ADP C . -9.38 -17.96 -5.15
O2A ADP C . -8.81 -16.02 -6.92
O3A ADP C . -8.51 -18.54 -7.46
O5' ADP C . -10.71 -17.61 -7.33
C5' ADP C . -10.82 -17.12 -8.67
C4' ADP C . -12.17 -17.52 -9.25
O4' ADP C . -13.18 -17.34 -8.22
C3' ADP C . -12.65 -16.75 -10.48
O3' ADP C . -13.05 -17.69 -11.49
C2' ADP C . -13.82 -15.90 -10.03
O2' ADP C . -14.97 -16.03 -10.88
C1' ADP C . -14.22 -16.40 -8.63
N9 ADP C . -14.44 -15.36 -7.59
C8 ADP C . -15.64 -15.12 -6.97
N7 ADP C . -15.52 -14.13 -6.05
C5 ADP C . -14.21 -13.75 -6.08
C6 ADP C . -13.39 -12.75 -5.41
N6 ADP C . -13.97 -11.97 -4.47
N1 ADP C . -12.09 -12.65 -5.74
C2 ADP C . -11.50 -13.43 -6.67
N3 ADP C . -12.18 -14.35 -7.36
C4 ADP C . -13.51 -14.55 -7.09
H5'1 ADP C . -10.01 -17.51 -9.30
H5'2 ADP C . -10.73 -16.02 -8.67
H4' ADP C . -12.03 -18.56 -9.57
H3' ADP C . -11.86 -16.12 -10.91
HO3' ADP C . -14.00 -17.87 -11.41
H2' ADP C . -13.51 -14.84 -10.06
HO2' ADP C . -15.17 -15.18 -11.28
H1' ADP C . -15.22 -16.86 -8.74
H8 ADP C . -16.56 -15.66 -7.16
HN61 ADP C . -14.94 -12.09 -4.26
HN62 ADP C . -13.42 -11.28 -3.99
H2 ADP C . -10.45 -13.31 -6.88
C10 QBI D . -8.24 -27.73 -2.44
N12 QBI D . -6.78 -26.02 -1.71
C17 QBI D . -6.04 -26.06 -4.90
C20 QBI D . -3.98 -27.16 -4.39
C02 QBI D . -9.00 -30.45 -4.52
C04 QBI D . -9.84 -30.68 -6.63
C07 QBI D . -9.64 -28.55 -5.75
C08 QBI D . -9.11 -29.10 -4.60
C09 QBI D . -8.66 -28.28 -3.40
C11 QBI D . -7.51 -27.16 -1.22
C16 QBI D . -5.26 -27.02 -3.91
C18 QBI D . -4.96 -25.65 -6.00
C19 QBI D . -3.97 -26.60 -5.94
N01 QBI D . -8.46 -31.05 -3.30
N03 QBI D . -9.32 -31.22 -5.53
N06 QBI D . -9.98 -29.36 -6.73
O05 QBI D . -10.15 -31.38 -7.53
O14 QBI D . -4.48 -27.03 -1.31
O15 QBI D . -4.55 -24.92 -2.33
S13 QBI D . -5.21 -26.21 -2.29
H121 QBI D . -7.20 -25.10 -1.69
H171 QBI D . -6.39 -25.19 -4.37
H172 QBI D . -6.87 -26.59 -5.36
H201 QBI D . -3.29 -26.58 -3.78
H202 QBI D . -3.71 -28.21 -4.38
H071 QBI D . -9.77 -27.48 -5.84
H112 QBI D . -6.83 -27.90 -0.82
H111 QBI D . -8.22 -26.87 -0.47
H161 QBI D . -5.74 -27.99 -3.88
H181 QBI D . -4.54 -24.67 -5.78
H182 QBI D . -5.41 -25.66 -6.99
H191 QBI D . -3.01 -26.15 -6.16
H192 QBI D . -4.19 -27.41 -6.63
H011 QBI D . -8.85 -31.92 -2.96
H012 QBI D . -7.72 -30.61 -2.80
H061 QBI D . -10.36 -28.99 -7.57
PB ADP E . 0.49 22.09 0.84
O1B ADP E . 1.03 23.16 -0.10
O2B ADP E . 1.60 21.50 1.68
O3B ADP E . -0.75 22.51 1.61
PA ADP E . -0.09 20.51 -1.60
O1A ADP E . -0.91 19.22 -1.64
O2A ADP E . 1.30 20.52 -2.21
O3A ADP E . -0.19 20.89 0.00
O5' ADP E . -1.03 21.52 -2.39
C5' ADP E . -0.89 22.91 -2.51
C4' ADP E . -1.84 23.31 -3.62
O4' ADP E . -1.30 22.85 -4.89
C3' ADP E . -3.27 22.79 -3.61
O3' ADP E . -4.10 23.91 -3.35
C2' ADP E . -3.63 22.25 -4.98
O2' ADP E . -4.63 23.02 -5.66
C1' ADP E . -2.37 22.45 -5.82
N9 ADP E . -1.84 21.33 -6.64
C8 ADP E . -1.41 21.48 -7.90
N7 ADP E . -0.97 20.30 -8.38
C5 ADP E . -1.13 19.40 -7.40
C6 ADP E . -0.86 17.96 -7.23
N6 ADP E . -0.34 17.29 -8.28
N1 ADP E . -1.13 17.36 -6.05
C2 ADP E . -1.69 18.05 -5.02
N3 ADP E . -1.97 19.36 -5.10
C4 ADP E . -1.70 20.08 -6.25
H5'1 ADP E . 0.14 23.18 -2.77
H5'2 ADP E . -1.15 23.41 -1.57
H4' ADP E . -1.91 24.40 -3.48
H3' ADP E . -3.39 22.01 -2.84
HO3' ADP E . -4.99 23.60 -3.11
H2' ADP E . -4.00 21.23 -4.86
HO2' ADP E . -5.43 23.07 -5.11
H1' ADP E . -2.70 23.19 -6.56
H8 ADP E . -1.42 22.42 -8.46
HN61 ADP E . -0.13 17.79 -9.13
HN62 ADP E . -0.14 16.30 -8.21
H2 ADP E . -1.91 17.53 -4.10
C10 QBI F . 7.47 27.74 1.32
N12 QBI F . 7.60 25.43 2.14
C17 QBI F . 4.69 26.37 3.33
C20 QBI F . 5.69 26.65 5.46
C02 QBI F . 6.43 31.08 1.82
C04 QBI F . 4.50 32.29 1.50
C07 QBI F . 4.55 30.04 0.86
C08 QBI F . 5.85 29.94 1.29
C09 QBI F . 6.71 28.68 1.26
C11 QBI F . 8.38 26.58 1.68
C16 QBI F . 6.01 26.67 4.12
C18 QBI F . 3.62 25.92 4.42
C19 QBI F . 4.05 26.56 5.56
N01 QBI F . 7.79 31.05 2.25
N03 QBI F . 5.75 32.20 1.91
N06 QBI F . 3.90 31.20 0.99
O05 QBI F . 3.91 33.34 1.64
O14 QBI F . 8.38 25.63 4.49
O15 QBI F . 6.64 24.03 4.17
S13 QBI F . 7.17 25.36 3.74
H121 QBI F . 7.32 24.71 1.50
H171 QBI F . 4.85 25.56 2.62
H172 QBI F . 4.34 27.26 2.81
H201 QBI F . 6.13 25.77 5.92
H202 QBI F . 6.04 27.55 5.95
H071 QBI F . 4.05 29.19 0.44
H112 QBI F . 8.95 26.29 0.81
H111 QBI F . 9.07 26.88 2.47
H161 QBI F . 6.38 27.67 3.88
H181 QBI F . 2.63 26.26 4.15
H182 QBI F . 3.63 24.85 4.55
H191 QBI F . 3.62 27.55 5.62
H192 QBI F . 3.77 25.97 6.43
H011 QBI F . 8.05 31.32 3.19
H012 QBI F . 8.48 30.75 1.60
H061 QBI F . 2.95 31.25 0.70
#